data_4RVD
#
_entry.id   4RVD
#
_cell.length_a   134.767
_cell.length_b   134.767
_cell.length_c   129.705
_cell.angle_alpha   90.00
_cell.angle_beta   90.00
_cell.angle_gamma   90.00
#
_symmetry.space_group_name_H-M   'I 41 2 2'
#
loop_
_entity.id
_entity.type
_entity.pdbx_description
1 polymer 'D-mycarose 3-C-methyltransferase'
2 non-polymer 'ZINC ION'
3 non-polymer S-ADENOSYLMETHIONINE
4 non-polymer 'ACETATE ION'
5 water water
#
_entity_poly.entity_id   1
_entity_poly.type   'polypeptide(L)'
_entity_poly.pdbx_seq_one_letter_code
;MDIYGTARAVTTCRMCGAQDWQEVVDFGPVPLADSFLEPAASYDDEPRYPLAVVSCRSCRLMSLTHVVDPEVLYRTYPYT
TSDSETIKKHMGHVVAVCVERFGIPEGSFVLEIGSNTGSQLKAFQNAGMRTLGIDPARNIAAVANERGIETLPEFFSVDT
AALVKKTHGTPQLVLGRHVFAHIDDVSAVAEGVRDLLGPDSLFAIEVPYLVDMLERNEFDTIYHEHLSYIGVGSLVALFR
RHGLRVVDVERLAVHGGSILVFVGLDEGTRATAPVVEELIALEKERGLYEDATYERFARHVAEITAELTSMVRSLRAEGK
RIAGYGAPAKGNTLLNVCGLTADDLEFC(CSO)DTTEFKQGLVLPGTHIPVRSPEYAKTQAIDYYLLLAWNYGEEILAKE
GPFLADGGRFILPNPRPSIVPPGEHHHHHH
;
_entity_poly.pdbx_strand_id   A
#
loop_
_chem_comp.id
_chem_comp.type
_chem_comp.name
_chem_comp.formula
ACT non-polymer 'ACETATE ION' 'C2 H3 O2 -1'
SAM non-polymer S-ADENOSYLMETHIONINE 'C15 H22 N6 O5 S'
ZN non-polymer 'ZINC ION' 'Zn 2'
#
# COMPACT_ATOMS: atom_id res chain seq x y z
N THR A 6 -6.74 11.44 -20.00
CA THR A 6 -7.63 10.87 -18.94
C THR A 6 -7.14 11.21 -17.54
N ALA A 7 -5.82 11.17 -17.34
CA ALA A 7 -5.20 11.35 -16.01
C ALA A 7 -4.60 12.74 -15.81
N ARG A 8 -5.00 13.40 -14.73
CA ARG A 8 -4.65 14.80 -14.49
C ARG A 8 -3.24 14.94 -13.91
N ALA A 9 -2.51 15.96 -14.36
CA ALA A 9 -1.13 16.17 -13.97
C ALA A 9 -1.02 16.97 -12.68
N VAL A 10 -0.06 16.61 -11.85
CA VAL A 10 0.18 17.34 -10.62
C VAL A 10 0.85 18.67 -10.95
N THR A 11 0.39 19.73 -10.30
CA THR A 11 0.99 21.05 -10.39
C THR A 11 1.62 21.31 -9.04
N THR A 12 0.77 21.66 -8.07
CA THR A 12 1.22 21.95 -6.73
C THR A 12 1.19 20.71 -5.81
N CYS A 13 2.04 20.76 -4.79
CA CYS A 13 2.19 19.68 -3.83
C CYS A 13 1.00 19.52 -2.88
N ARG A 14 0.51 18.29 -2.75
CA ARG A 14 -0.65 17.95 -1.90
C ARG A 14 -0.50 18.33 -0.44
N MET A 15 0.71 18.21 0.09
CA MET A 15 0.94 18.34 1.53
C MET A 15 1.24 19.79 1.95
N CYS A 16 2.20 20.45 1.28
CA CYS A 16 2.65 21.80 1.68
C CYS A 16 2.26 22.92 0.72
N GLY A 17 1.90 22.59 -0.50
CA GLY A 17 1.40 23.58 -1.47
C GLY A 17 2.45 24.27 -2.32
N ALA A 18 3.71 23.89 -2.17
CA ALA A 18 4.79 24.43 -2.98
C ALA A 18 4.81 23.78 -4.36
N GLN A 19 5.74 24.23 -5.20
CA GLN A 19 5.92 23.65 -6.54
C GLN A 19 7.41 23.69 -6.89
N ASP A 20 8.16 22.80 -6.25
CA ASP A 20 9.59 22.66 -6.50
C ASP A 20 9.90 21.17 -6.53
N TRP A 21 9.67 20.57 -7.71
CA TRP A 21 9.76 19.12 -7.90
C TRP A 21 11.11 18.66 -8.44
N GLN A 22 11.77 17.75 -7.72
CA GLN A 22 12.94 17.02 -8.23
C GLN A 22 12.44 15.73 -8.88
N GLU A 23 12.84 15.49 -10.13
CA GLU A 23 12.53 14.24 -10.81
C GLU A 23 13.37 13.11 -10.20
N VAL A 24 12.75 11.95 -9.93
CA VAL A 24 13.50 10.82 -9.35
C VAL A 24 13.57 9.61 -10.28
N VAL A 25 12.43 9.17 -10.82
CA VAL A 25 12.43 8.07 -11.79
C VAL A 25 11.17 8.14 -12.68
N ASP A 26 11.30 7.65 -13.90
CA ASP A 26 10.21 7.65 -14.87
C ASP A 26 10.15 6.29 -15.58
N PHE A 27 9.04 5.59 -15.40
CA PHE A 27 8.84 4.27 -15.99
C PHE A 27 8.07 4.34 -17.30
N GLY A 28 7.70 5.55 -17.72
CA GLY A 28 6.95 5.74 -18.95
C GLY A 28 5.48 5.37 -18.77
N PRO A 29 4.78 5.09 -19.89
CA PRO A 29 3.39 4.64 -19.81
C PRO A 29 3.29 3.18 -19.37
N VAL A 30 2.44 2.93 -18.38
CA VAL A 30 2.27 1.61 -17.77
C VAL A 30 0.77 1.38 -17.54
N PRO A 31 0.28 0.16 -17.77
CA PRO A 31 -1.13 -0.10 -17.47
C PRO A 31 -1.42 -0.15 -15.97
N LEU A 32 -2.68 -0.01 -15.59
CA LEU A 32 -3.04 0.06 -14.16
C LEU A 32 -2.85 -1.32 -13.51
N ALA A 33 -2.14 -1.32 -12.39
CA ALA A 33 -1.70 -2.53 -11.68
C ALA A 33 -2.84 -3.44 -11.18
N ASP A 34 -4.00 -2.88 -10.87
CA ASP A 34 -5.18 -3.68 -10.49
C ASP A 34 -6.22 -3.88 -11.62
N SER A 35 -5.86 -3.56 -12.87
CA SER A 35 -6.71 -3.86 -14.03
C SER A 35 -6.31 -5.20 -14.65
N PHE A 36 -6.86 -6.27 -14.09
CA PHE A 36 -6.63 -7.61 -14.59
C PHE A 36 -7.58 -7.83 -15.75
N LEU A 37 -7.15 -8.58 -16.76
CA LEU A 37 -7.88 -8.72 -18.03
C LEU A 37 -8.35 -10.15 -18.27
N GLU A 38 -9.50 -10.28 -18.91
CA GLU A 38 -9.95 -11.57 -19.42
C GLU A 38 -8.97 -11.94 -20.52
N PRO A 39 -8.62 -13.24 -20.63
CA PRO A 39 -7.67 -13.64 -21.66
C PRO A 39 -8.24 -13.43 -23.08
N ALA A 40 -7.38 -13.02 -24.00
CA ALA A 40 -7.82 -12.65 -25.35
C ALA A 40 -6.69 -12.80 -26.37
N ALA A 41 -7.07 -12.75 -27.65
CA ALA A 41 -6.12 -12.86 -28.75
C ALA A 41 -5.17 -11.68 -28.80
N SER A 42 -5.71 -10.48 -28.59
CA SER A 42 -4.92 -9.25 -28.60
C SER A 42 -5.33 -8.33 -27.46
N TYR A 43 -4.43 -7.40 -27.12
CA TYR A 43 -4.64 -6.45 -26.03
C TYR A 43 -4.23 -5.06 -26.49
N ASP A 44 -4.66 -4.68 -27.69
CA ASP A 44 -4.23 -3.44 -28.35
C ASP A 44 -4.79 -2.17 -27.72
N ASP A 45 -6.03 -2.25 -27.23
CA ASP A 45 -6.69 -1.12 -26.59
C ASP A 45 -6.48 -1.02 -25.07
N GLU A 46 -5.51 -1.76 -24.54
CA GLU A 46 -5.23 -1.72 -23.09
C GLU A 46 -4.75 -0.33 -22.69
N PRO A 47 -5.49 0.36 -21.80
CA PRO A 47 -5.05 1.69 -21.38
C PRO A 47 -3.73 1.69 -20.61
N ARG A 48 -2.90 2.70 -20.89
CA ARG A 48 -1.66 2.93 -20.16
C ARG A 48 -1.62 4.38 -19.73
N TYR A 49 -0.96 4.65 -18.60
CA TYR A 49 -0.87 5.98 -18.03
C TYR A 49 0.56 6.27 -17.64
N PRO A 50 0.98 7.56 -17.64
CA PRO A 50 2.34 7.88 -17.27
C PRO A 50 2.62 7.56 -15.80
N LEU A 51 3.65 6.76 -15.56
CA LEU A 51 4.03 6.36 -14.20
C LEU A 51 5.43 6.89 -13.90
N ALA A 52 5.47 8.01 -13.18
CA ALA A 52 6.74 8.66 -12.84
C ALA A 52 6.60 9.34 -11.49
N VAL A 53 7.71 9.47 -10.77
CA VAL A 53 7.68 10.05 -9.43
C VAL A 53 8.55 11.31 -9.31
N VAL A 54 8.06 12.27 -8.53
CA VAL A 54 8.79 13.49 -8.24
C VAL A 54 8.86 13.69 -6.73
N SER A 55 9.84 14.47 -6.26
CA SER A 55 10.04 14.74 -4.85
C SER A 55 9.95 16.25 -4.58
N CYS A 56 9.13 16.62 -3.59
CA CYS A 56 8.93 18.02 -3.25
C CYS A 56 10.08 18.52 -2.37
N ARG A 57 10.81 19.53 -2.83
CA ARG A 57 11.96 20.05 -2.07
C ARG A 57 11.59 20.83 -0.80
N SER A 58 10.36 21.33 -0.73
CA SER A 58 9.89 22.00 0.50
C SER A 58 9.70 21.02 1.66
N CYS A 59 8.76 20.08 1.51
CA CYS A 59 8.38 19.16 2.58
C CYS A 59 8.88 17.71 2.37
N ARG A 60 9.30 17.40 1.15
CA ARG A 60 9.83 16.08 0.77
C ARG A 60 8.78 14.97 0.77
N LEU A 61 7.55 15.34 0.44
CA LEU A 61 6.58 14.40 -0.09
C LEU A 61 7.16 13.88 -1.40
N MET A 62 7.06 12.58 -1.59
CA MET A 62 7.32 12.00 -2.88
C MET A 62 5.96 11.70 -3.51
N SER A 63 5.76 12.14 -4.75
CA SER A 63 4.46 12.05 -5.40
C SER A 63 4.60 11.53 -6.82
N LEU A 64 3.53 10.92 -7.33
CA LEU A 64 3.49 10.62 -8.75
C LEU A 64 3.27 11.94 -9.51
N THR A 65 3.70 11.98 -10.76
CA THR A 65 3.50 13.15 -11.62
C THR A 65 2.03 13.31 -11.99
N HIS A 66 1.26 12.23 -11.94
CA HIS A 66 -0.13 12.22 -12.40
C HIS A 66 -1.09 11.56 -11.41
N VAL A 67 -2.37 11.93 -11.51
CA VAL A 67 -3.43 11.40 -10.66
C VAL A 67 -4.47 10.75 -11.55
N VAL A 68 -4.48 9.41 -11.59
CA VAL A 68 -5.52 8.68 -12.35
C VAL A 68 -6.84 8.88 -11.63
N ASP A 69 -7.92 9.03 -12.39
CA ASP A 69 -9.26 9.29 -11.81
C ASP A 69 -9.68 8.26 -10.75
N PRO A 70 -9.96 8.71 -9.51
CA PRO A 70 -10.38 7.79 -8.44
C PRO A 70 -11.63 6.99 -8.75
N GLU A 71 -12.55 7.57 -9.51
CA GLU A 71 -13.76 6.88 -9.96
C GLU A 71 -13.42 5.66 -10.79
N VAL A 72 -12.39 5.79 -11.61
CA VAL A 72 -11.95 4.70 -12.47
C VAL A 72 -11.30 3.60 -11.64
N LEU A 73 -10.44 4.01 -10.70
CA LEU A 73 -9.70 3.05 -9.87
C LEU A 73 -10.59 2.28 -8.88
N TYR A 74 -11.45 2.99 -8.16
CA TYR A 74 -12.03 2.46 -6.91
C TYR A 74 -13.50 2.04 -6.93
N ARG A 75 -14.25 2.44 -7.94
CA ARG A 75 -15.69 2.23 -7.94
C ARG A 75 -16.04 0.74 -8.09
N THR A 76 -15.17 -0.01 -8.75
CA THR A 76 -15.16 -1.47 -8.70
C THR A 76 -13.74 -1.92 -8.41
N TYR A 77 -13.54 -2.61 -7.29
CA TYR A 77 -12.19 -2.91 -6.81
C TYR A 77 -12.06 -4.41 -6.47
N PRO A 78 -10.88 -5.00 -6.73
CA PRO A 78 -10.72 -6.40 -6.33
C PRO A 78 -10.64 -6.57 -4.82
N TYR A 79 -11.11 -7.70 -4.33
CA TYR A 79 -11.07 -7.99 -2.89
C TYR A 79 -10.98 -9.48 -2.62
N THR A 80 -10.70 -9.81 -1.36
CA THR A 80 -10.77 -11.19 -0.89
C THR A 80 -11.80 -11.29 0.21
N THR A 81 -12.43 -12.46 0.27
CA THR A 81 -13.36 -12.80 1.32
C THR A 81 -12.68 -13.50 2.51
N SER A 82 -11.37 -13.72 2.44
CA SER A 82 -10.67 -14.57 3.41
C SER A 82 -9.91 -13.78 4.50
N ASP A 83 -8.74 -13.23 4.17
CA ASP A 83 -7.80 -12.63 5.14
C ASP A 83 -6.84 -13.66 5.74
N SER A 84 -5.56 -13.51 5.44
CA SER A 84 -4.53 -14.34 6.02
C SER A 84 -4.43 -14.16 7.53
N GLU A 85 -3.65 -15.04 8.15
CA GLU A 85 -3.39 -14.96 9.59
C GLU A 85 -2.47 -13.77 9.90
N THR A 86 -1.59 -13.43 8.96
CA THR A 86 -0.74 -12.24 9.11
C THR A 86 -1.62 -10.98 9.21
N ILE A 87 -2.57 -10.87 8.29
CA ILE A 87 -3.48 -9.73 8.21
C ILE A 87 -4.37 -9.64 9.45
N LYS A 88 -4.97 -10.76 9.86
CA LYS A 88 -5.81 -10.82 11.06
C LYS A 88 -5.05 -10.37 12.30
N LYS A 89 -3.84 -10.87 12.46
CA LYS A 89 -3.01 -10.54 13.61
C LYS A 89 -2.67 -9.06 13.65
N HIS A 90 -2.36 -8.48 12.50
CA HIS A 90 -2.01 -7.07 12.44
C HIS A 90 -3.24 -6.19 12.73
N MET A 91 -4.41 -6.60 12.25
CA MET A 91 -5.65 -5.88 12.56
C MET A 91 -5.95 -5.90 14.07
N GLY A 92 -5.67 -7.02 14.73
CA GLY A 92 -5.80 -7.11 16.18
C GLY A 92 -4.80 -6.23 16.90
N HIS A 93 -3.60 -6.14 16.34
CA HIS A 93 -2.58 -5.26 16.88
C HIS A 93 -2.96 -3.76 16.75
N VAL A 94 -3.54 -3.39 15.62
CA VAL A 94 -4.00 -2.01 15.41
C VAL A 94 -5.02 -1.61 16.49
N VAL A 95 -5.98 -2.49 16.73
CA VAL A 95 -6.96 -2.28 17.80
C VAL A 95 -6.26 -2.05 19.14
N ALA A 96 -5.31 -2.95 19.46
CA ALA A 96 -4.62 -2.93 20.75
C ALA A 96 -3.87 -1.63 20.94
N VAL A 97 -3.12 -1.22 19.91
CA VAL A 97 -2.38 0.03 19.95
C VAL A 97 -3.33 1.23 20.15
N CYS A 98 -4.33 1.33 19.28
CA CYS A 98 -5.27 2.47 19.34
C CYS A 98 -5.98 2.55 20.69
N VAL A 99 -6.45 1.41 21.19
CA VAL A 99 -7.26 1.36 22.42
C VAL A 99 -6.40 1.50 23.69
N GLU A 100 -5.32 0.74 23.77
CA GLU A 100 -4.47 0.71 24.97
C GLU A 100 -3.56 1.91 25.10
N ARG A 101 -3.01 2.39 23.99
CA ARG A 101 -2.13 3.56 24.05
C ARG A 101 -2.88 4.85 24.38
N PHE A 102 -4.14 4.95 23.97
CA PHE A 102 -4.90 6.17 24.16
C PHE A 102 -6.11 6.03 25.08
N GLY A 103 -6.30 4.85 25.65
CA GLY A 103 -7.35 4.64 26.65
C GLY A 103 -8.76 4.86 26.12
N ILE A 104 -9.05 4.31 24.94
CA ILE A 104 -10.38 4.44 24.35
C ILE A 104 -11.30 3.49 25.09
N PRO A 105 -12.37 4.02 25.73
CA PRO A 105 -13.29 3.14 26.47
C PRO A 105 -14.16 2.28 25.57
N GLU A 106 -14.63 1.17 26.10
CA GLU A 106 -15.61 0.35 25.41
C GLU A 106 -16.87 1.16 25.13
N GLY A 107 -17.49 0.92 23.99
CA GLY A 107 -18.67 1.67 23.58
C GLY A 107 -18.37 2.94 22.81
N SER A 108 -17.08 3.28 22.67
CA SER A 108 -16.66 4.43 21.86
C SER A 108 -16.93 4.18 20.37
N PHE A 109 -16.86 5.26 19.58
CA PHE A 109 -17.22 5.22 18.18
C PHE A 109 -15.97 5.31 17.32
N VAL A 110 -15.83 4.35 16.39
CA VAL A 110 -14.70 4.30 15.50
C VAL A 110 -15.17 4.39 14.06
N LEU A 111 -14.69 5.40 13.36
CA LEU A 111 -14.99 5.61 11.95
C LEU A 111 -13.77 5.17 11.13
N GLU A 112 -13.97 4.34 10.12
CA GLU A 112 -12.86 3.93 9.26
C GLU A 112 -13.06 4.30 7.80
N ILE A 113 -12.06 4.97 7.24
CA ILE A 113 -11.98 5.36 5.86
C ILE A 113 -11.25 4.27 5.08
N GLY A 114 -11.82 3.82 3.97
CA GLY A 114 -11.23 2.74 3.20
C GLY A 114 -11.41 1.41 3.89
N SER A 115 -12.57 1.27 4.54
CA SER A 115 -12.87 0.13 5.41
C SER A 115 -12.98 -1.19 4.66
N ASN A 116 -13.19 -1.14 3.35
CA ASN A 116 -13.09 -2.32 2.50
C ASN A 116 -14.17 -3.36 2.92
N THR A 117 -13.83 -4.64 3.02
CA THR A 117 -14.83 -5.65 3.41
C THR A 117 -15.30 -5.52 4.86
N GLY A 118 -14.58 -4.76 5.68
CA GLY A 118 -15.03 -4.45 7.03
C GLY A 118 -14.41 -5.25 8.17
N SER A 119 -13.34 -6.01 7.89
CA SER A 119 -12.72 -6.90 8.88
C SER A 119 -12.02 -6.11 9.98
N GLN A 120 -11.37 -4.99 9.64
CA GLN A 120 -10.74 -4.14 10.66
C GLN A 120 -11.79 -3.58 11.62
N LEU A 121 -12.93 -3.15 11.08
CA LEU A 121 -14.04 -2.70 11.93
C LEU A 121 -14.61 -3.84 12.78
N LYS A 122 -14.75 -5.01 12.18
CA LYS A 122 -15.20 -6.20 12.93
C LYS A 122 -14.31 -6.40 14.17
N ALA A 123 -13.00 -6.28 13.98
CA ALA A 123 -12.05 -6.36 15.08
C ALA A 123 -12.37 -5.34 16.17
N PHE A 124 -12.69 -4.09 15.77
CA PHE A 124 -13.05 -3.06 16.73
C PHE A 124 -14.36 -3.36 17.44
N GLN A 125 -15.33 -3.94 16.72
CA GLN A 125 -16.59 -4.35 17.35
C GLN A 125 -16.37 -5.45 18.40
N ASN A 126 -15.48 -6.41 18.10
CA ASN A 126 -15.19 -7.47 19.07
C ASN A 126 -14.53 -6.91 20.33
N ALA A 127 -13.86 -5.77 20.23
CA ALA A 127 -13.38 -5.07 21.41
C ALA A 127 -14.40 -4.10 22.05
N GLY A 128 -15.68 -4.25 21.71
CA GLY A 128 -16.75 -3.46 22.31
C GLY A 128 -16.99 -2.06 21.74
N MET A 129 -16.54 -1.79 20.53
CA MET A 129 -16.74 -0.46 19.90
C MET A 129 -17.92 -0.39 18.92
N ARG A 130 -18.49 0.80 18.81
CA ARG A 130 -19.44 1.18 17.75
C ARG A 130 -18.63 1.53 16.52
N THR A 131 -19.10 1.17 15.33
CA THR A 131 -18.33 1.48 14.12
C THR A 131 -19.17 2.02 12.94
N LEU A 132 -18.46 2.54 11.96
CA LEU A 132 -19.04 2.86 10.66
C LEU A 132 -17.91 2.92 9.66
N GLY A 133 -18.16 2.44 8.45
CA GLY A 133 -17.14 2.46 7.41
C GLY A 133 -17.50 3.41 6.28
N ILE A 134 -16.47 3.91 5.58
CA ILE A 134 -16.61 4.71 4.37
C ILE A 134 -15.71 4.08 3.32
N ASP A 135 -16.29 3.62 2.22
CA ASP A 135 -15.52 3.03 1.12
C ASP A 135 -16.29 3.12 -0.20
N PRO A 136 -15.67 3.70 -1.25
CA PRO A 136 -16.37 3.91 -2.53
C PRO A 136 -16.56 2.67 -3.39
N ALA A 137 -15.78 1.61 -3.15
CA ALA A 137 -15.94 0.36 -3.90
C ALA A 137 -17.30 -0.27 -3.65
N ARG A 138 -18.21 -0.11 -4.59
CA ARG A 138 -19.62 -0.51 -4.41
C ARG A 138 -19.77 -2.02 -4.21
N ASN A 139 -19.01 -2.79 -4.99
CA ASN A 139 -19.02 -4.24 -4.86
C ASN A 139 -18.55 -4.69 -3.47
N ILE A 140 -17.51 -4.04 -2.96
CA ILE A 140 -16.93 -4.39 -1.67
C ILE A 140 -17.82 -3.92 -0.53
N ALA A 141 -18.36 -2.71 -0.65
CA ALA A 141 -19.26 -2.14 0.35
C ALA A 141 -20.56 -2.93 0.51
N ALA A 142 -21.06 -3.47 -0.59
CA ALA A 142 -22.23 -4.34 -0.53
C ALA A 142 -21.95 -5.58 0.32
N VAL A 143 -20.72 -6.11 0.21
CA VAL A 143 -20.30 -7.28 0.99
C VAL A 143 -20.20 -6.93 2.46
N ALA A 144 -19.52 -5.85 2.80
CA ALA A 144 -19.44 -5.40 4.19
C ALA A 144 -20.83 -5.20 4.79
N ASN A 145 -21.68 -4.48 4.07
CA ASN A 145 -23.06 -4.23 4.53
C ASN A 145 -23.84 -5.51 4.75
N GLU A 146 -23.71 -6.46 3.83
CA GLU A 146 -24.36 -7.77 3.94
C GLU A 146 -23.93 -8.48 5.23
N ARG A 147 -22.63 -8.44 5.54
CA ARG A 147 -22.06 -9.15 6.70
C ARG A 147 -22.53 -8.53 8.02
N GLY A 148 -23.04 -7.30 7.96
CA GLY A 148 -23.47 -6.57 9.15
C GLY A 148 -22.53 -5.46 9.57
N ILE A 149 -21.62 -5.05 8.69
CA ILE A 149 -20.72 -3.95 8.98
C ILE A 149 -21.13 -2.71 8.18
N GLU A 150 -21.86 -1.80 8.83
CA GLU A 150 -22.40 -0.62 8.16
C GLU A 150 -21.31 0.20 7.46
N THR A 151 -21.48 0.41 6.17
CA THR A 151 -20.50 1.06 5.31
C THR A 151 -21.19 1.98 4.30
N LEU A 152 -20.85 3.27 4.32
CA LEU A 152 -21.31 4.22 3.31
C LEU A 152 -20.52 4.02 2.02
N PRO A 153 -21.20 3.72 0.89
CA PRO A 153 -20.48 3.46 -0.37
C PRO A 153 -20.04 4.76 -1.10
N GLU A 154 -19.26 5.59 -0.41
CA GLU A 154 -18.80 6.87 -0.94
C GLU A 154 -17.31 7.10 -0.67
N PHE A 155 -16.77 8.10 -1.36
CA PHE A 155 -15.44 8.61 -1.05
C PHE A 155 -15.56 9.46 0.21
N PHE A 156 -14.48 9.59 0.96
CA PHE A 156 -14.50 10.45 2.12
C PHE A 156 -14.42 11.88 1.62
N SER A 157 -15.19 12.78 2.25
CA SER A 157 -15.20 14.19 1.86
C SER A 157 -15.64 15.04 3.05
N VAL A 158 -15.54 16.35 2.89
CA VAL A 158 -15.99 17.28 3.91
C VAL A 158 -17.48 17.09 4.18
N ASP A 159 -18.26 16.86 3.13
CA ASP A 159 -19.71 16.71 3.23
C ASP A 159 -20.11 15.36 3.87
N THR A 160 -19.50 14.27 3.42
CA THR A 160 -19.69 12.97 4.06
C THR A 160 -19.32 13.03 5.55
N ALA A 161 -18.26 13.77 5.87
CA ALA A 161 -17.86 13.94 7.27
C ALA A 161 -18.97 14.61 8.09
N ALA A 162 -19.57 15.68 7.54
CA ALA A 162 -20.72 16.34 8.16
C ALA A 162 -21.94 15.41 8.29
N LEU A 163 -22.21 14.62 7.27
CA LEU A 163 -23.28 13.62 7.37
C LEU A 163 -23.04 12.63 8.53
N VAL A 164 -21.79 12.18 8.66
CA VAL A 164 -21.43 11.24 9.72
C VAL A 164 -21.62 11.83 11.10
N LYS A 165 -21.09 13.03 11.32
CA LYS A 165 -21.24 13.71 12.60
C LYS A 165 -22.71 13.89 12.98
N LYS A 166 -23.53 14.31 12.03
CA LYS A 166 -24.96 14.53 12.23
C LYS A 166 -25.68 13.27 12.67
N THR A 167 -25.48 12.19 11.91
CA THR A 167 -26.21 10.95 12.14
C THR A 167 -25.56 10.02 13.16
N HIS A 168 -24.24 10.08 13.30
CA HIS A 168 -23.52 9.10 14.11
C HIS A 168 -22.75 9.69 15.28
N GLY A 169 -22.50 10.99 15.25
CA GLY A 169 -21.93 11.67 16.39
C GLY A 169 -20.43 11.83 16.22
N THR A 170 -19.76 12.17 17.32
CA THR A 170 -18.35 12.45 17.32
C THR A 170 -17.55 11.15 17.50
N PRO A 171 -16.68 10.81 16.54
CA PRO A 171 -15.86 9.60 16.72
C PRO A 171 -14.73 9.83 17.71
N GLN A 172 -14.43 8.84 18.54
CA GLN A 172 -13.24 8.88 19.41
C GLN A 172 -12.02 8.58 18.55
N LEU A 173 -12.21 7.85 17.46
CA LEU A 173 -11.11 7.47 16.56
C LEU A 173 -11.57 7.48 15.12
N VAL A 174 -10.78 8.10 14.25
CA VAL A 174 -10.97 8.00 12.81
C VAL A 174 -9.75 7.31 12.24
N LEU A 175 -9.97 6.21 11.52
CA LEU A 175 -8.88 5.34 11.05
C LEU A 175 -8.84 5.25 9.52
N GLY A 176 -7.63 5.34 8.97
CA GLY A 176 -7.42 5.12 7.53
C GLY A 176 -6.19 4.27 7.34
N ARG A 177 -6.38 3.01 6.93
CA ARG A 177 -5.27 2.10 6.71
C ARG A 177 -5.03 1.92 5.22
N HIS A 178 -3.83 2.31 4.78
CA HIS A 178 -3.44 2.17 3.39
C HIS A 178 -4.51 2.74 2.46
N VAL A 179 -4.90 3.97 2.78
CA VAL A 179 -5.82 4.74 1.95
C VAL A 179 -5.40 6.21 1.83
N PHE A 180 -4.75 6.76 2.86
CA PHE A 180 -4.34 8.17 2.84
C PHE A 180 -3.42 8.51 1.67
N ALA A 181 -2.56 7.56 1.30
CA ALA A 181 -1.64 7.73 0.18
C ALA A 181 -2.34 7.56 -1.18
N HIS A 182 -3.60 7.11 -1.14
CA HIS A 182 -4.41 6.89 -2.34
C HIS A 182 -5.28 8.10 -2.71
N ILE A 183 -5.25 9.16 -1.89
CA ILE A 183 -6.16 10.31 -2.07
C ILE A 183 -5.40 11.55 -2.51
N ASP A 184 -5.85 12.16 -3.60
CA ASP A 184 -5.21 13.38 -4.09
C ASP A 184 -5.48 14.57 -3.17
N ASP A 185 -6.75 14.84 -2.92
CA ASP A 185 -7.14 16.01 -2.14
C ASP A 185 -7.08 15.75 -0.62
N VAL A 186 -5.85 15.72 -0.13
CA VAL A 186 -5.56 15.39 1.26
C VAL A 186 -5.86 16.59 2.18
N SER A 187 -5.88 17.78 1.59
CA SER A 187 -6.33 18.98 2.30
C SER A 187 -7.79 18.82 2.73
N ALA A 188 -8.62 18.31 1.83
CA ALA A 188 -10.04 18.07 2.11
C ALA A 188 -10.26 16.98 3.17
N VAL A 189 -9.43 15.95 3.15
CA VAL A 189 -9.46 14.91 4.19
C VAL A 189 -9.17 15.54 5.55
N ALA A 190 -8.10 16.33 5.64
CA ALA A 190 -7.72 16.99 6.88
C ALA A 190 -8.82 17.88 7.44
N GLU A 191 -9.57 18.53 6.55
CA GLU A 191 -10.63 19.46 6.93
C GLU A 191 -11.85 18.69 7.46
N GLY A 192 -12.25 17.64 6.75
CA GLY A 192 -13.34 16.78 7.21
C GLY A 192 -13.02 16.09 8.53
N VAL A 193 -11.77 15.67 8.67
CA VAL A 193 -11.26 15.13 9.94
C VAL A 193 -11.38 16.18 11.05
N ARG A 194 -10.83 17.38 10.82
CA ARG A 194 -10.91 18.45 11.83
C ARG A 194 -12.35 18.64 12.35
N ASP A 195 -13.31 18.64 11.43
CA ASP A 195 -14.73 18.82 11.79
C ASP A 195 -15.28 17.65 12.61
N LEU A 196 -14.83 16.43 12.31
CA LEU A 196 -15.22 15.23 13.07
C LEU A 196 -14.62 15.17 14.47
N LEU A 197 -13.34 15.49 14.59
CA LEU A 197 -12.62 15.32 15.86
C LEU A 197 -13.15 16.19 16.99
N GLY A 198 -13.39 15.56 18.14
CA GLY A 198 -13.62 16.26 19.39
C GLY A 198 -12.28 16.50 20.09
N PRO A 199 -12.33 17.18 21.24
CA PRO A 199 -11.11 17.54 21.99
C PRO A 199 -10.09 16.41 22.22
N ASP A 200 -10.56 15.19 22.51
CA ASP A 200 -9.64 14.07 22.71
C ASP A 200 -9.68 13.00 21.59
N SER A 201 -10.35 13.29 20.48
CA SER A 201 -10.45 12.34 19.37
C SER A 201 -9.11 12.23 18.65
N LEU A 202 -8.91 11.09 17.98
CA LEU A 202 -7.70 10.87 17.19
C LEU A 202 -8.01 10.45 15.76
N PHE A 203 -7.17 10.90 14.85
CA PHE A 203 -7.14 10.46 13.46
C PHE A 203 -5.87 9.65 13.31
N ALA A 204 -5.99 8.41 12.85
CA ALA A 204 -4.86 7.50 12.75
C ALA A 204 -4.76 7.03 11.32
N ILE A 205 -3.57 7.14 10.72
CA ILE A 205 -3.34 6.62 9.38
C ILE A 205 -2.14 5.71 9.31
N GLU A 206 -2.29 4.62 8.56
CA GLU A 206 -1.22 3.67 8.35
C GLU A 206 -0.83 3.74 6.89
N VAL A 207 0.44 4.07 6.63
CA VAL A 207 0.95 4.22 5.27
C VAL A 207 2.37 3.62 5.19
N PRO A 208 2.77 3.15 4.01
CA PRO A 208 4.17 2.72 3.88
C PRO A 208 5.10 3.89 4.20
N TYR A 209 6.24 3.60 4.81
CA TYR A 209 7.14 4.65 5.28
C TYR A 209 8.21 4.92 4.22
N LEU A 210 8.34 6.18 3.83
CA LEU A 210 9.27 6.59 2.78
C LEU A 210 10.72 6.22 3.11
N VAL A 211 11.07 6.28 4.38
CA VAL A 211 12.40 5.89 4.82
C VAL A 211 12.69 4.43 4.48
N ASP A 212 11.74 3.53 4.78
CA ASP A 212 11.92 2.12 4.47
C ASP A 212 11.93 1.90 2.96
N MET A 213 11.05 2.60 2.26
CA MET A 213 10.92 2.45 0.80
C MET A 213 12.23 2.79 0.09
N LEU A 214 12.88 3.86 0.51
CA LEU A 214 14.16 4.27 -0.06
C LEU A 214 15.29 3.30 0.29
N GLU A 215 15.42 2.97 1.57
CA GLU A 215 16.51 2.14 2.06
C GLU A 215 16.47 0.68 1.58
N ARG A 216 15.27 0.17 1.29
CA ARG A 216 15.10 -1.19 0.81
C ARG A 216 14.78 -1.25 -0.66
N ASN A 217 14.91 -0.13 -1.37
CA ASN A 217 14.74 -0.08 -2.82
C ASN A 217 13.40 -0.66 -3.29
N GLU A 218 12.32 -0.29 -2.61
CA GLU A 218 11.01 -0.88 -2.90
C GLU A 218 10.27 -0.13 -4.01
N PHE A 219 10.85 -0.18 -5.21
CA PHE A 219 10.31 0.55 -6.37
C PHE A 219 9.00 -0.05 -6.90
N ASP A 220 8.77 -1.34 -6.62
CA ASP A 220 7.54 -1.98 -7.09
C ASP A 220 6.27 -1.48 -6.36
N THR A 221 6.43 -0.81 -5.22
CA THR A 221 5.30 -0.15 -4.54
C THR A 221 4.88 1.16 -5.24
N ILE A 222 5.62 1.56 -6.27
CA ILE A 222 5.22 2.68 -7.10
C ILE A 222 4.17 2.17 -8.10
N TYR A 223 2.92 2.58 -7.90
CA TYR A 223 1.89 2.35 -8.90
C TYR A 223 0.78 3.37 -8.77
N HIS A 224 -0.07 3.46 -9.79
CA HIS A 224 -0.93 4.63 -9.99
C HIS A 224 -1.87 4.92 -8.82
N GLU A 225 -2.30 3.88 -8.11
CA GLU A 225 -3.14 4.05 -6.93
C GLU A 225 -2.38 4.80 -5.86
N HIS A 226 -1.08 4.53 -5.77
CA HIS A 226 -0.23 5.20 -4.79
C HIS A 226 0.26 6.55 -5.29
N LEU A 227 -0.51 7.58 -4.95
CA LEU A 227 -0.24 8.95 -5.34
C LEU A 227 0.90 9.53 -4.53
N SER A 228 0.96 9.15 -3.25
CA SER A 228 1.92 9.69 -2.30
C SER A 228 2.79 8.59 -1.67
N TYR A 229 4.03 8.94 -1.34
CA TYR A 229 4.96 8.08 -0.61
C TYR A 229 5.51 8.98 0.49
N ILE A 230 5.20 8.61 1.74
CA ILE A 230 5.08 9.58 2.83
C ILE A 230 6.06 9.36 3.96
N GLY A 231 6.63 10.46 4.45
CA GLY A 231 7.37 10.50 5.71
C GLY A 231 6.66 11.39 6.71
N VAL A 232 7.16 11.41 7.94
CA VAL A 232 6.52 12.17 9.02
C VAL A 232 6.60 13.68 8.73
N GLY A 233 7.73 14.11 8.18
CA GLY A 233 7.94 15.51 7.81
C GLY A 233 6.79 16.09 7.02
N SER A 234 6.46 15.46 5.89
CA SER A 234 5.42 15.97 5.01
C SER A 234 4.03 15.95 5.65
N LEU A 235 3.80 15.02 6.58
CA LEU A 235 2.52 14.98 7.31
C LEU A 235 2.40 16.16 8.28
N VAL A 236 3.49 16.52 8.95
CA VAL A 236 3.49 17.70 9.82
C VAL A 236 3.22 18.96 8.99
N ALA A 237 3.83 19.05 7.81
CA ALA A 237 3.61 20.20 6.91
C ALA A 237 2.14 20.34 6.53
N LEU A 238 1.48 19.23 6.24
CA LEU A 238 0.06 19.26 5.88
C LEU A 238 -0.81 19.64 7.07
N PHE A 239 -0.67 18.89 8.15
CA PHE A 239 -1.59 19.01 9.29
C PHE A 239 -1.43 20.37 10.01
N ARG A 240 -0.24 20.97 9.98
CA ARG A 240 0.00 22.35 10.46
C ARG A 240 -1.05 23.33 9.94
N ARG A 241 -1.42 23.15 8.68
CA ARG A 241 -2.26 24.09 7.96
C ARG A 241 -3.75 23.83 8.10
N HIS A 242 -4.12 22.89 8.97
CA HIS A 242 -5.53 22.55 9.15
C HIS A 242 -5.89 22.34 10.62
N GLY A 243 -5.18 23.02 11.52
CA GLY A 243 -5.48 22.97 12.94
C GLY A 243 -5.30 21.60 13.59
N LEU A 244 -4.44 20.77 13.00
CA LEU A 244 -4.21 19.41 13.48
C LEU A 244 -2.76 19.25 13.88
N ARG A 245 -2.51 18.36 14.84
CA ARG A 245 -1.16 18.14 15.36
C ARG A 245 -0.81 16.65 15.43
N VAL A 246 0.34 16.29 14.88
CA VAL A 246 0.82 14.91 14.92
C VAL A 246 1.27 14.65 16.34
N VAL A 247 0.64 13.68 16.99
CA VAL A 247 0.89 13.43 18.43
C VAL A 247 1.65 12.14 18.76
N ASP A 248 1.71 11.19 17.83
CA ASP A 248 2.40 9.93 18.08
C ASP A 248 2.58 9.14 16.78
N VAL A 249 3.61 8.29 16.76
CA VAL A 249 3.93 7.43 15.61
C VAL A 249 4.47 6.09 16.08
N GLU A 250 3.98 5.00 15.47
CA GLU A 250 4.57 3.67 15.65
C GLU A 250 5.07 3.11 14.33
N ARG A 251 6.34 2.69 14.31
CA ARG A 251 6.90 2.02 13.13
C ARG A 251 6.50 0.54 13.12
N LEU A 252 6.18 0.04 11.94
CA LEU A 252 5.65 -1.31 11.78
C LEU A 252 6.31 -1.99 10.60
N ALA A 253 6.49 -3.31 10.71
CA ALA A 253 7.10 -4.11 9.64
C ALA A 253 6.16 -4.39 8.46
N VAL A 254 4.85 -4.23 8.64
CA VAL A 254 3.87 -4.56 7.59
C VAL A 254 4.10 -3.74 6.32
N HIS A 255 3.76 -4.36 5.19
CA HIS A 255 3.87 -3.76 3.86
C HIS A 255 5.27 -3.18 3.58
N GLY A 256 6.30 -3.92 3.95
CA GLY A 256 7.69 -3.53 3.70
C GLY A 256 8.17 -2.31 4.50
N GLY A 257 7.56 -2.08 5.65
CA GLY A 257 7.92 -0.97 6.52
C GLY A 257 6.91 0.14 6.44
N SER A 258 6.18 0.35 7.53
CA SER A 258 5.09 1.32 7.56
C SER A 258 5.15 2.15 8.84
N ILE A 259 4.37 3.22 8.86
CA ILE A 259 4.17 4.03 10.06
C ILE A 259 2.68 4.17 10.31
N LEU A 260 2.29 4.04 11.56
CA LEU A 260 0.94 4.30 11.99
C LEU A 260 0.98 5.63 12.73
N VAL A 261 0.40 6.66 12.14
CA VAL A 261 0.52 8.04 12.62
C VAL A 261 -0.77 8.51 13.30
N PHE A 262 -0.65 8.99 14.53
CA PHE A 262 -1.80 9.51 15.26
C PHE A 262 -1.79 11.04 15.22
N VAL A 263 -2.97 11.60 14.93
CA VAL A 263 -3.15 13.04 14.80
C VAL A 263 -4.35 13.50 15.64
N GLY A 264 -4.21 14.66 16.27
CA GLY A 264 -5.28 15.25 17.09
C GLY A 264 -5.47 16.73 16.78
N LEU A 265 -6.50 17.34 17.35
CA LEU A 265 -6.73 18.78 17.21
C LEU A 265 -5.57 19.53 17.85
N ASP A 266 -5.11 20.60 17.20
CA ASP A 266 -3.97 21.37 17.71
C ASP A 266 -4.23 21.87 19.14
N GLU A 267 -5.45 22.33 19.37
CA GLU A 267 -5.86 22.86 20.68
C GLU A 267 -6.57 21.81 21.55
N GLY A 268 -6.46 20.54 21.19
CA GLY A 268 -7.08 19.46 21.93
C GLY A 268 -6.20 18.95 23.05
N THR A 269 -6.68 17.92 23.74
CA THR A 269 -6.05 17.44 24.97
C THR A 269 -4.91 16.45 24.79
N ARG A 270 -4.66 15.97 23.57
CA ARG A 270 -3.61 14.97 23.34
C ARG A 270 -2.25 15.62 23.20
N ALA A 271 -1.32 15.31 24.11
CA ALA A 271 0.03 15.87 24.08
C ALA A 271 0.90 15.16 23.03
N THR A 272 1.79 15.91 22.39
CA THR A 272 2.71 15.34 21.42
C THR A 272 3.79 14.53 22.15
N ALA A 273 3.99 13.29 21.71
CA ALA A 273 5.03 12.43 22.28
C ALA A 273 6.38 12.71 21.60
N PRO A 274 7.49 12.42 22.30
CA PRO A 274 8.82 12.77 21.77
C PRO A 274 9.17 12.07 20.44
N VAL A 275 8.67 10.85 20.24
CA VAL A 275 8.97 10.08 19.02
C VAL A 275 8.72 10.85 17.71
N VAL A 276 7.76 11.79 17.70
CA VAL A 276 7.44 12.54 16.48
C VAL A 276 8.68 13.29 15.98
N GLU A 277 9.30 14.07 16.86
CA GLU A 277 10.51 14.81 16.52
C GLU A 277 11.72 13.88 16.32
N GLU A 278 11.76 12.76 17.03
CA GLU A 278 12.82 11.77 16.81
C GLU A 278 12.82 11.27 15.37
N LEU A 279 11.65 10.98 14.82
CA LEU A 279 11.53 10.48 13.45
C LEU A 279 11.84 11.55 12.39
N ILE A 280 11.48 12.80 12.70
CA ILE A 280 11.79 13.91 11.81
C ILE A 280 13.31 14.14 11.77
N ALA A 281 13.96 14.09 12.94
CA ALA A 281 15.43 14.16 13.01
C ALA A 281 16.09 12.99 12.27
N LEU A 282 15.48 11.80 12.34
CA LEU A 282 16.00 10.63 11.66
C LEU A 282 15.89 10.76 10.14
N GLU A 283 14.77 11.32 9.66
CA GLU A 283 14.58 11.60 8.24
C GLU A 283 15.64 12.58 7.67
N LYS A 284 15.96 13.64 8.43
CA LYS A 284 17.07 14.51 8.07
C LYS A 284 18.35 13.70 7.98
N GLU A 285 18.67 13.01 9.07
CA GLU A 285 19.92 12.30 9.24
C GLU A 285 20.16 11.25 8.15
N ARG A 286 19.09 10.71 7.59
CA ARG A 286 19.19 9.71 6.52
C ARG A 286 19.07 10.32 5.12
N GLY A 287 18.97 11.64 5.04
CA GLY A 287 19.17 12.33 3.77
C GLY A 287 17.93 12.52 2.92
N LEU A 288 16.76 12.51 3.55
CA LEU A 288 15.52 12.68 2.81
C LEU A 288 15.36 14.09 2.23
N TYR A 289 16.07 15.06 2.78
CA TYR A 289 16.04 16.43 2.26
C TYR A 289 17.21 16.77 1.32
N GLU A 290 17.81 15.76 0.69
CA GLU A 290 18.95 16.00 -0.22
C GLU A 290 18.74 15.31 -1.56
N ASP A 291 19.06 16.02 -2.64
CA ASP A 291 18.85 15.53 -4.00
C ASP A 291 19.61 14.24 -4.30
N ALA A 292 20.76 14.07 -3.67
CA ALA A 292 21.64 12.93 -3.92
C ALA A 292 20.94 11.62 -3.57
N THR A 293 20.27 11.61 -2.42
CA THR A 293 19.54 10.42 -1.95
C THR A 293 18.61 9.84 -3.02
N TYR A 294 17.88 10.70 -3.73
CA TYR A 294 16.88 10.25 -4.71
C TYR A 294 17.49 9.84 -6.05
N GLU A 295 18.63 10.44 -6.38
CA GLU A 295 19.43 10.00 -7.53
C GLU A 295 20.02 8.63 -7.23
N ARG A 296 20.44 8.44 -5.99
CA ARG A 296 20.92 7.15 -5.51
C ARG A 296 19.80 6.10 -5.59
N PHE A 297 18.61 6.45 -5.14
CA PHE A 297 17.44 5.56 -5.26
C PHE A 297 17.25 5.13 -6.71
N ALA A 298 17.24 6.10 -7.63
CA ALA A 298 17.07 5.84 -9.05
C ALA A 298 18.16 4.96 -9.62
N ARG A 299 19.37 5.14 -9.11
CA ARG A 299 20.51 4.30 -9.49
C ARG A 299 20.23 2.85 -9.08
N HIS A 300 19.86 2.66 -7.83
CA HIS A 300 19.54 1.34 -7.30
C HIS A 300 18.45 0.64 -8.13
N VAL A 301 17.44 1.40 -8.52
CA VAL A 301 16.33 0.84 -9.31
C VAL A 301 16.79 0.28 -10.65
N ALA A 302 17.64 1.04 -11.36
CA ALA A 302 18.17 0.58 -12.65
C ALA A 302 19.02 -0.67 -12.45
N GLU A 303 19.80 -0.70 -11.39
CA GLU A 303 20.67 -1.83 -11.07
C GLU A 303 19.88 -3.10 -10.72
N ILE A 304 18.85 -2.95 -9.88
CA ILE A 304 18.03 -4.08 -9.43
C ILE A 304 17.20 -4.62 -10.60
N THR A 305 16.53 -3.71 -11.29
CA THR A 305 15.78 -4.02 -12.51
C THR A 305 16.59 -4.83 -13.52
N ALA A 306 17.84 -4.44 -13.75
CA ALA A 306 18.68 -5.12 -14.74
C ALA A 306 19.09 -6.51 -14.27
N GLU A 307 19.58 -6.62 -13.04
CA GLU A 307 20.08 -7.90 -12.56
C GLU A 307 18.95 -8.88 -12.27
N LEU A 308 17.74 -8.37 -12.06
CA LEU A 308 16.59 -9.23 -11.84
C LEU A 308 16.18 -9.89 -13.16
N THR A 309 16.16 -9.12 -14.23
CA THR A 309 15.84 -9.66 -15.55
C THR A 309 16.91 -10.65 -16.04
N SER A 310 18.19 -10.31 -15.86
CA SER A 310 19.28 -11.18 -16.30
C SER A 310 19.30 -12.48 -15.52
N MET A 311 19.09 -12.38 -14.21
CA MET A 311 18.98 -13.58 -13.37
C MET A 311 17.85 -14.49 -13.87
N VAL A 312 16.67 -13.91 -14.12
CA VAL A 312 15.53 -14.69 -14.59
C VAL A 312 15.82 -15.30 -15.97
N ARG A 313 16.33 -14.49 -16.90
CA ARG A 313 16.61 -14.97 -18.26
C ARG A 313 17.77 -15.97 -18.35
N SER A 314 18.75 -15.82 -17.46
CA SER A 314 19.85 -16.76 -17.35
C SER A 314 19.36 -18.15 -16.90
N LEU A 315 18.48 -18.18 -15.89
CA LEU A 315 17.92 -19.45 -15.41
C LEU A 315 17.01 -20.10 -16.47
N ARG A 316 16.25 -19.29 -17.19
CA ARG A 316 15.45 -19.82 -18.30
C ARG A 316 16.32 -20.39 -19.44
N ALA A 317 17.44 -19.73 -19.73
CA ALA A 317 18.37 -20.25 -20.76
C ALA A 317 18.97 -21.59 -20.34
N GLU A 318 19.07 -21.83 -19.04
CA GLU A 318 19.49 -23.14 -18.51
C GLU A 318 18.36 -24.16 -18.49
N GLY A 319 17.17 -23.77 -18.93
CA GLY A 319 16.02 -24.68 -18.97
C GLY A 319 15.27 -24.80 -17.65
N LYS A 320 15.39 -23.80 -16.77
CA LYS A 320 14.65 -23.78 -15.51
C LYS A 320 13.28 -23.13 -15.71
N ARG A 321 12.27 -23.70 -15.06
CA ARG A 321 10.91 -23.16 -15.14
C ARG A 321 10.68 -22.18 -14.01
N ILE A 322 10.12 -21.03 -14.36
CA ILE A 322 9.92 -19.93 -13.41
C ILE A 322 8.46 -19.50 -13.44
N ALA A 323 7.92 -19.23 -12.26
CA ALA A 323 6.59 -18.68 -12.09
C ALA A 323 6.62 -17.56 -11.06
N GLY A 324 5.55 -16.78 -10.99
CA GLY A 324 5.39 -15.77 -9.96
C GLY A 324 4.57 -16.33 -8.80
N TYR A 325 4.99 -16.00 -7.58
CA TYR A 325 4.23 -16.38 -6.38
C TYR A 325 3.50 -15.14 -5.90
N GLY A 326 2.18 -15.15 -6.10
CA GLY A 326 1.33 -14.01 -5.83
C GLY A 326 1.10 -13.21 -7.09
N ALA A 327 -0.04 -12.51 -7.16
CA ALA A 327 -0.31 -11.51 -8.19
C ALA A 327 -0.76 -10.20 -7.58
N PRO A 328 0.04 -9.64 -6.66
CA PRO A 328 -0.38 -8.38 -6.06
C PRO A 328 -0.15 -7.20 -7.01
N ALA A 329 -0.81 -6.08 -6.74
CA ALA A 329 -0.63 -4.84 -7.50
C ALA A 329 0.85 -4.52 -7.75
N LYS A 330 1.66 -4.52 -6.71
CA LYS A 330 3.09 -4.20 -6.83
C LYS A 330 3.86 -5.14 -7.75
N GLY A 331 3.41 -6.40 -7.85
CA GLY A 331 4.01 -7.35 -8.77
C GLY A 331 3.91 -6.89 -10.22
N ASN A 332 2.84 -6.17 -10.53
CA ASN A 332 2.64 -5.68 -11.90
C ASN A 332 3.52 -4.49 -12.26
N THR A 333 3.89 -3.66 -11.29
CA THR A 333 4.91 -2.66 -11.52
C THR A 333 6.24 -3.37 -11.80
N LEU A 334 6.60 -4.32 -10.94
CA LEU A 334 7.86 -5.06 -11.09
C LEU A 334 7.98 -5.69 -12.48
N LEU A 335 6.98 -6.47 -12.87
CA LEU A 335 7.06 -7.20 -14.12
C LEU A 335 7.07 -6.29 -15.35
N ASN A 336 6.29 -5.22 -15.34
CA ASN A 336 6.26 -4.28 -16.47
C ASN A 336 7.57 -3.52 -16.63
N VAL A 337 8.10 -3.02 -15.52
CA VAL A 337 9.37 -2.29 -15.52
C VAL A 337 10.53 -3.18 -15.94
N CYS A 338 10.50 -4.45 -15.53
CA CYS A 338 11.54 -5.41 -15.91
C CYS A 338 11.37 -5.97 -17.34
N GLY A 339 10.20 -5.75 -17.95
CA GLY A 339 9.93 -6.23 -19.30
C GLY A 339 9.77 -7.74 -19.39
N LEU A 340 9.32 -8.38 -18.30
CA LEU A 340 9.15 -9.83 -18.29
C LEU A 340 7.83 -10.17 -18.94
N THR A 341 7.79 -11.33 -19.61
CA THR A 341 6.63 -11.76 -20.40
C THR A 341 6.25 -13.17 -19.98
N ALA A 342 5.23 -13.73 -20.60
CA ALA A 342 4.82 -15.11 -20.35
C ALA A 342 5.87 -16.16 -20.77
N ASP A 343 6.89 -15.74 -21.51
CA ASP A 343 8.04 -16.58 -21.82
C ASP A 343 9.04 -16.63 -20.68
N ASP A 344 9.03 -15.60 -19.84
CA ASP A 344 9.89 -15.53 -18.66
C ASP A 344 9.21 -16.16 -17.44
N LEU A 345 7.97 -15.75 -17.15
CA LEU A 345 7.15 -16.38 -16.10
C LEU A 345 5.95 -17.04 -16.75
N GLU A 346 5.85 -18.36 -16.63
CA GLU A 346 4.75 -19.07 -17.28
C GLU A 346 3.39 -18.82 -16.64
N PHE A 347 3.36 -18.54 -15.34
CA PHE A 347 2.16 -18.04 -14.67
C PHE A 347 2.49 -17.33 -13.36
N CYS A 348 1.49 -16.71 -12.75
CA CYS A 348 1.56 -16.26 -11.37
C CYS A 348 0.44 -16.91 -10.59
N CSO A 349 0.77 -17.58 -9.50
CA CSO A 349 -0.24 -18.22 -8.67
CB CSO A 349 0.26 -19.52 -8.03
SG CSO A 349 1.40 -19.34 -6.71
C CSO A 349 -0.78 -17.20 -7.70
O CSO A 349 -0.05 -16.36 -7.19
OD CSO A 349 0.72 -20.35 -5.46
N ASP A 350 -2.09 -17.26 -7.45
CA ASP A 350 -2.73 -16.35 -6.49
C ASP A 350 -3.93 -17.01 -5.84
N THR A 351 -4.10 -16.79 -4.54
CA THR A 351 -5.20 -17.42 -3.78
C THR A 351 -6.55 -16.75 -4.02
N THR A 352 -6.54 -15.57 -4.65
CA THR A 352 -7.77 -14.83 -4.90
C THR A 352 -8.50 -15.36 -6.13
N GLU A 353 -9.69 -15.92 -5.92
CA GLU A 353 -10.49 -16.50 -7.00
C GLU A 353 -10.86 -15.48 -8.09
N PHE A 354 -11.25 -14.29 -7.66
CA PHE A 354 -11.41 -13.13 -8.54
C PHE A 354 -10.33 -13.09 -9.65
N LYS A 355 -9.08 -13.34 -9.27
CA LYS A 355 -7.93 -13.19 -10.18
C LYS A 355 -7.60 -14.44 -10.98
N GLN A 356 -8.02 -15.60 -10.48
CA GLN A 356 -7.71 -16.87 -11.13
C GLN A 356 -8.39 -16.93 -12.50
N GLY A 357 -7.64 -17.36 -13.52
CA GLY A 357 -8.17 -17.42 -14.90
C GLY A 357 -8.11 -16.12 -15.67
N LEU A 358 -7.72 -15.03 -15.01
CA LEU A 358 -7.46 -13.78 -15.70
C LEU A 358 -5.98 -13.72 -16.10
N VAL A 359 -5.59 -12.57 -16.62
CA VAL A 359 -4.26 -12.33 -17.15
C VAL A 359 -3.79 -10.96 -16.63
N LEU A 360 -2.49 -10.83 -16.36
CA LEU A 360 -1.94 -9.61 -15.74
C LEU A 360 -1.91 -8.42 -16.69
N PRO A 361 -1.99 -7.19 -16.14
CA PRO A 361 -1.88 -6.01 -17.00
C PRO A 361 -0.49 -5.88 -17.64
N GLY A 362 -0.47 -5.53 -18.93
CA GLY A 362 0.77 -5.26 -19.65
C GLY A 362 1.48 -6.52 -20.12
N THR A 363 1.95 -7.31 -19.16
CA THR A 363 2.72 -8.51 -19.45
C THR A 363 1.84 -9.67 -19.89
N HIS A 364 0.56 -9.61 -19.53
CA HIS A 364 -0.43 -10.63 -19.88
C HIS A 364 -0.10 -12.06 -19.43
N ILE A 365 0.66 -12.20 -18.36
CA ILE A 365 0.97 -13.51 -17.79
C ILE A 365 -0.30 -14.06 -17.14
N PRO A 366 -0.58 -15.37 -17.30
CA PRO A 366 -1.82 -15.87 -16.73
C PRO A 366 -1.76 -16.00 -15.20
N VAL A 367 -2.89 -15.80 -14.55
CA VAL A 367 -3.01 -16.01 -13.13
C VAL A 367 -3.68 -17.37 -12.93
N ARG A 368 -3.10 -18.20 -12.08
CA ARG A 368 -3.58 -19.55 -11.87
C ARG A 368 -3.70 -19.81 -10.37
N SER A 369 -4.48 -20.81 -10.02
CA SER A 369 -4.70 -21.17 -8.62
C SER A 369 -3.45 -21.82 -8.04
N PRO A 370 -3.33 -21.83 -6.70
CA PRO A 370 -2.26 -22.60 -6.07
C PRO A 370 -2.36 -24.11 -6.32
N GLU A 371 -3.57 -24.64 -6.50
CA GLU A 371 -3.74 -26.08 -6.75
C GLU A 371 -3.24 -26.48 -8.16
N TYR A 372 -3.44 -25.62 -9.16
CA TYR A 372 -2.76 -25.83 -10.44
C TYR A 372 -1.24 -25.75 -10.28
N ALA A 373 -0.77 -24.74 -9.56
CA ALA A 373 0.66 -24.52 -9.36
C ALA A 373 1.37 -25.76 -8.82
N LYS A 374 0.73 -26.45 -7.87
CA LYS A 374 1.27 -27.68 -7.29
C LYS A 374 1.40 -28.86 -8.27
N THR A 375 0.64 -28.84 -9.35
CA THR A 375 0.78 -29.90 -10.36
C THR A 375 2.02 -29.67 -11.24
N GLN A 376 2.54 -28.44 -11.27
CA GLN A 376 3.62 -28.07 -12.17
C GLN A 376 5.01 -28.14 -11.51
N ALA A 377 6.00 -28.55 -12.31
CA ALA A 377 7.38 -28.68 -11.84
C ALA A 377 8.14 -27.36 -11.99
N ILE A 378 7.82 -26.40 -11.13
CA ILE A 378 8.47 -25.10 -11.16
C ILE A 378 9.78 -25.19 -10.38
N ASP A 379 10.83 -24.58 -10.91
CA ASP A 379 12.13 -24.59 -10.24
C ASP A 379 12.30 -23.36 -9.34
N TYR A 380 11.88 -22.20 -9.84
CA TYR A 380 11.98 -20.95 -9.11
C TYR A 380 10.64 -20.25 -9.11
N TYR A 381 10.24 -19.74 -7.95
CA TYR A 381 9.16 -18.77 -7.87
C TYR A 381 9.76 -17.40 -7.58
N LEU A 382 9.51 -16.42 -8.46
CA LEU A 382 9.76 -15.01 -8.15
C LEU A 382 8.68 -14.55 -7.17
N LEU A 383 9.11 -14.15 -5.98
CA LEU A 383 8.20 -13.85 -4.90
C LEU A 383 7.70 -12.42 -5.02
N LEU A 384 6.56 -12.28 -5.67
CA LEU A 384 5.97 -10.97 -5.88
C LEU A 384 5.29 -10.45 -4.61
N ALA A 385 4.72 -11.34 -3.82
CA ALA A 385 4.10 -10.96 -2.55
C ALA A 385 5.11 -11.08 -1.42
N TRP A 386 6.24 -10.40 -1.61
CA TRP A 386 7.39 -10.54 -0.72
C TRP A 386 7.14 -9.94 0.66
N ASN A 387 6.18 -9.03 0.76
CA ASN A 387 5.81 -8.49 2.07
C ASN A 387 5.20 -9.57 3.00
N TYR A 388 4.68 -10.65 2.43
CA TYR A 388 4.24 -11.81 3.22
C TYR A 388 5.25 -12.97 3.16
N GLY A 389 6.52 -12.65 2.96
CA GLY A 389 7.58 -13.65 2.85
C GLY A 389 7.65 -14.70 3.98
N GLU A 390 7.49 -14.25 5.22
CA GLU A 390 7.57 -15.14 6.38
C GLU A 390 6.42 -16.14 6.43
N GLU A 391 5.19 -15.66 6.21
CA GLU A 391 4.01 -16.53 6.19
C GLU A 391 4.05 -17.52 5.02
N ILE A 392 4.57 -17.09 3.89
CA ILE A 392 4.59 -17.92 2.69
C ILE A 392 5.63 -19.02 2.86
N LEU A 393 6.85 -18.63 3.20
CA LEU A 393 7.93 -19.60 3.37
C LEU A 393 7.58 -20.64 4.44
N ALA A 394 6.87 -20.21 5.47
CA ALA A 394 6.50 -21.09 6.57
C ALA A 394 5.59 -22.25 6.13
N LYS A 395 4.85 -22.10 5.05
CA LYS A 395 3.97 -23.17 4.59
C LYS A 395 4.46 -23.84 3.28
N GLU A 396 5.66 -23.51 2.81
CA GLU A 396 6.16 -24.10 1.57
C GLU A 396 7.31 -25.08 1.80
N GLY A 397 7.28 -25.76 2.95
CA GLY A 397 8.25 -26.80 3.26
C GLY A 397 8.44 -27.86 2.18
N PRO A 398 7.33 -28.43 1.66
CA PRO A 398 7.44 -29.49 0.65
C PRO A 398 8.19 -29.05 -0.61
N PHE A 399 7.85 -27.87 -1.13
CA PHE A 399 8.52 -27.31 -2.30
C PHE A 399 10.01 -27.08 -2.02
N LEU A 400 10.31 -26.48 -0.86
CA LEU A 400 11.71 -26.21 -0.46
C LEU A 400 12.47 -27.51 -0.28
N ALA A 401 11.87 -28.49 0.39
CA ALA A 401 12.53 -29.78 0.58
C ALA A 401 12.86 -30.49 -0.74
N ASP A 402 12.03 -30.28 -1.76
CA ASP A 402 12.26 -30.85 -3.10
C ASP A 402 13.32 -30.09 -3.92
N GLY A 403 13.89 -29.02 -3.38
CA GLY A 403 14.92 -28.24 -4.10
C GLY A 403 14.39 -27.00 -4.80
N GLY A 404 13.12 -26.68 -4.61
CA GLY A 404 12.54 -25.46 -5.15
C GLY A 404 13.12 -24.24 -4.49
N ARG A 405 13.18 -23.14 -5.23
CA ARG A 405 13.79 -21.92 -4.72
C ARG A 405 12.89 -20.72 -4.96
N PHE A 406 13.15 -19.67 -4.19
CA PHE A 406 12.48 -18.40 -4.35
C PHE A 406 13.50 -17.32 -4.72
N ILE A 407 13.06 -16.37 -5.51
CA ILE A 407 13.82 -15.18 -5.83
C ILE A 407 13.12 -14.01 -5.14
N LEU A 408 13.83 -13.38 -4.20
CA LEU A 408 13.32 -12.19 -3.52
C LEU A 408 13.89 -10.96 -4.21
N PRO A 409 13.04 -9.97 -4.51
CA PRO A 409 13.50 -8.79 -5.23
C PRO A 409 14.19 -7.68 -4.40
N ASN A 410 13.94 -7.64 -3.10
CA ASN A 410 14.53 -6.58 -2.26
C ASN A 410 15.07 -7.12 -0.95
N PRO A 411 15.93 -6.37 -0.25
CA PRO A 411 16.44 -5.05 -0.68
C PRO A 411 17.24 -5.12 -1.99
N ARG A 412 17.95 -6.23 -2.17
CA ARG A 412 18.59 -6.59 -3.42
C ARG A 412 18.09 -7.98 -3.79
N PRO A 413 18.13 -8.34 -5.10
CA PRO A 413 17.74 -9.68 -5.51
C PRO A 413 18.55 -10.76 -4.80
N SER A 414 17.87 -11.76 -4.25
CA SER A 414 18.55 -12.88 -3.58
C SER A 414 17.81 -14.19 -3.80
N ILE A 415 18.47 -15.29 -3.45
CA ILE A 415 17.93 -16.62 -3.61
C ILE A 415 17.68 -17.27 -2.25
N VAL A 416 16.44 -17.69 -2.04
CA VAL A 416 16.04 -18.48 -0.86
C VAL A 416 15.80 -19.91 -1.31
N PRO A 417 16.36 -20.90 -0.64
CA PRO A 417 17.19 -20.74 0.55
C PRO A 417 18.60 -20.24 0.25
N PRO A 418 19.24 -19.55 1.22
CA PRO A 418 20.65 -19.17 1.07
C PRO A 418 21.56 -20.38 1.22
N GLY A 419 22.84 -20.20 0.87
CA GLY A 419 23.83 -21.30 0.90
C GLY A 419 24.32 -21.72 2.27
N GLU A 420 24.05 -20.92 3.29
CA GLU A 420 24.41 -21.27 4.66
C GLU A 420 23.31 -20.83 5.63
N HIS A 421 23.29 -21.42 6.81
CA HIS A 421 22.31 -21.03 7.82
C HIS A 421 22.45 -19.54 8.14
N HIS A 422 21.32 -18.83 8.17
CA HIS A 422 21.31 -17.36 8.18
C HIS A 422 21.80 -16.72 9.49
N HIS A 423 21.56 -17.39 10.62
CA HIS A 423 21.89 -16.86 11.97
C HIS A 423 21.22 -15.50 12.23
ZN ZN B . 5.49 19.63 -0.35
N SAM C . -7.91 -0.51 4.43
CA SAM C . -7.78 -1.80 3.76
C SAM C . -6.46 -2.46 4.07
O SAM C . -5.58 -1.84 4.71
OXT SAM C . -6.27 -3.63 3.66
CB SAM C . -7.92 -1.64 2.24
CG SAM C . -6.93 -0.65 1.64
SD SAM C . -7.07 -0.55 -0.03
CE SAM C . -5.55 -0.76 -0.69
C5' SAM C . -7.69 0.94 -0.49
C4' SAM C . -9.18 1.05 -0.11
O4' SAM C . -9.55 2.43 0.08
C3' SAM C . -10.14 0.49 -1.16
O3' SAM C . -11.15 -0.33 -0.54
C2' SAM C . -10.76 1.72 -1.81
O2' SAM C . -12.09 1.52 -2.28
C1' SAM C . -10.74 2.72 -0.67
N9 SAM C . -10.64 4.15 -1.05
C8 SAM C . -9.97 4.69 -2.08
N7 SAM C . -10.11 6.03 -2.08
C5 SAM C . -10.85 6.37 -1.02
C6 SAM C . -11.36 7.63 -0.45
N6 SAM C . -11.05 8.80 -1.04
N1 SAM C . -12.13 7.56 0.67
C2 SAM C . -12.42 6.37 1.24
N3 SAM C . -11.98 5.18 0.77
C4 SAM C . -11.21 5.12 -0.34
C ACT D . 3.32 -24.50 -4.36
O ACT D . 3.01 -24.87 -3.20
OXT ACT D . 4.25 -25.04 -5.02
CH3 ACT D . 2.53 -23.37 -4.94
#